data_2OXW
#
_entry.id   2OXW
#
_cell.length_a   51.888
_cell.length_b   60.358
_cell.length_c   54.521
_cell.angle_alpha   90.00
_cell.angle_beta   115.73
_cell.angle_gamma   90.00
#
_symmetry.space_group_name_H-M   'C 1 2 1'
#
loop_
_entity.id
_entity.type
_entity.pdbx_description
1 polymer 'Macrophage metalloelastase'
2 polymer 'ILE-ALA-GLY peptide'
3 non-polymer 'ZINC ION'
4 non-polymer 'CALCIUM ION'
5 water water
#
loop_
_entity_poly.entity_id
_entity_poly.type
_entity_poly.pdbx_seq_one_letter_code
_entity_poly.pdbx_strand_id
1 'polypeptide(L)'
;MGPVWRKHYITYRINNYTPDMNREDVDYAIRKAFQVWSNVTPLKFSKINTGMADILVVFARGAHGDDHAFDGKGGILAHA
FGPGSGIGGDAHFDEDEFWTTHSGGTNLFLTAVHEIGHSLGLGHSSDPKAVMFPTYKYVDINTFRLSADDIRGIQSLYG
;
A
2 'polypeptide(L)' IAG X
#
loop_
_chem_comp.id
_chem_comp.type
_chem_comp.name
_chem_comp.formula
CA non-polymer 'CALCIUM ION' 'Ca 2'
ZN non-polymer 'ZINC ION' 'Zn 2'
#
# COMPACT_ATOMS: atom_id res chain seq x y z
N GLY A 2 -2.31 -4.13 18.34
CA GLY A 2 -1.47 -4.69 17.23
C GLY A 2 -0.14 -3.99 17.08
N PRO A 3 0.76 -4.57 16.26
CA PRO A 3 2.11 -4.02 16.11
C PRO A 3 2.15 -2.66 15.39
N VAL A 4 3.09 -1.81 15.82
CA VAL A 4 3.37 -0.53 15.17
C VAL A 4 4.88 -0.35 15.05
N TRP A 5 5.29 0.48 14.10
CA TRP A 5 6.69 0.88 14.01
C TRP A 5 7.02 1.74 15.22
N ARG A 6 8.20 1.52 15.79
CA ARG A 6 8.66 2.21 17.00
C ARG A 6 9.79 3.20 16.71
N LYS A 7 9.85 3.64 15.47
CA LYS A 7 10.81 4.63 15.02
C LYS A 7 10.10 5.54 14.00
N HIS A 8 10.63 6.74 13.75
CA HIS A 8 9.95 7.70 12.88
C HIS A 8 10.46 7.68 11.43
N TYR A 9 11.71 7.29 11.20
CA TYR A 9 12.26 7.22 9.84
C TYR A 9 12.08 5.80 9.30
N ILE A 10 11.26 5.66 8.26
CA ILE A 10 10.89 4.37 7.68
C ILE A 10 11.39 4.36 6.24
N THR A 11 11.98 3.25 5.82
CA THR A 11 12.44 3.12 4.44
C THR A 11 11.55 2.16 3.65
N TYR A 12 11.46 2.41 2.35
CA TYR A 12 10.84 1.48 1.44
C TYR A 12 11.72 1.27 0.22
N ARG A 13 11.50 0.14 -0.44
CA ARG A 13 12.23 -0.22 -1.64
C ARG A 13 11.27 -0.88 -2.61
N ILE A 14 11.33 -0.49 -3.88
CA ILE A 14 10.53 -1.12 -4.92
C ILE A 14 11.37 -2.25 -5.52
N ASN A 15 11.00 -3.48 -5.17
CA ASN A 15 11.74 -4.69 -5.52
C ASN A 15 11.83 -4.90 -7.03
N ASN A 16 10.71 -4.64 -7.68
CA ASN A 16 10.56 -4.87 -9.11
C ASN A 16 9.38 -4.03 -9.58
N TYR A 17 9.28 -3.85 -10.90
CA TYR A 17 8.30 -2.97 -11.48
C TYR A 17 7.32 -3.69 -12.37
N THR A 18 6.04 -3.38 -12.21
CA THR A 18 5.03 -3.92 -13.11
C THR A 18 5.26 -3.39 -14.53
N PRO A 19 5.14 -4.28 -15.54
CA PRO A 19 5.22 -3.82 -16.93
C PRO A 19 3.95 -3.10 -17.40
N ASP A 20 2.94 -3.02 -16.54
CA ASP A 20 1.68 -2.37 -16.88
C ASP A 20 1.81 -0.84 -16.98
N MET A 21 2.84 -0.28 -16.37
CA MET A 21 2.97 1.17 -16.20
C MET A 21 4.36 1.63 -16.57
N ASN A 22 4.49 2.92 -16.85
CA ASN A 22 5.79 3.55 -16.95
C ASN A 22 6.50 3.49 -15.60
N ARG A 23 7.80 3.26 -15.62
CA ARG A 23 8.56 3.16 -14.37
C ARG A 23 8.38 4.39 -13.47
N GLU A 24 8.46 5.58 -14.06
CA GLU A 24 8.37 6.80 -13.28
C GLU A 24 7.00 6.93 -12.63
N ASP A 25 5.97 6.40 -13.28
CA ASP A 25 4.62 6.44 -12.75
C ASP A 25 4.44 5.49 -11.57
N VAL A 26 5.12 4.35 -11.59
CA VAL A 26 5.12 3.46 -10.44
C VAL A 26 5.77 4.17 -9.25
N ASP A 27 6.95 4.74 -9.49
CA ASP A 27 7.66 5.46 -8.44
C ASP A 27 6.77 6.55 -7.83
N TYR A 28 6.12 7.33 -8.69
CA TYR A 28 5.32 8.47 -8.21
C TYR A 28 4.09 8.00 -7.45
N ALA A 29 3.38 7.01 -7.97
CA ALA A 29 2.19 6.48 -7.29
C ALA A 29 2.53 5.99 -5.88
N ILE A 30 3.65 5.28 -5.75
CA ILE A 30 4.06 4.74 -4.45
C ILE A 30 4.49 5.88 -3.52
N ARG A 31 5.26 6.83 -4.04
CA ARG A 31 5.68 7.97 -3.25
C ARG A 31 4.48 8.74 -2.73
N LYS A 32 3.51 9.02 -3.60
CA LYS A 32 2.31 9.75 -3.23
C LYS A 32 1.50 9.00 -2.18
N ALA A 33 1.45 7.67 -2.29
CA ALA A 33 0.72 6.87 -1.32
C ALA A 33 1.36 6.97 0.08
N PHE A 34 2.69 6.94 0.15
CA PHE A 34 3.37 7.14 1.43
C PHE A 34 3.10 8.52 2.00
N GLN A 35 3.09 9.52 1.14
CA GLN A 35 2.83 10.90 1.58
C GLN A 35 1.46 11.06 2.23
N VAL A 36 0.46 10.32 1.74
CA VAL A 36 -0.87 10.35 2.36
C VAL A 36 -0.77 10.08 3.86
N TRP A 37 0.05 9.11 4.24
CA TRP A 37 0.18 8.72 5.63
C TRP A 37 1.17 9.58 6.41
N SER A 38 2.27 10.01 5.79
CA SER A 38 3.16 10.96 6.47
C SER A 38 2.48 12.31 6.74
N ASN A 39 1.46 12.67 5.94
CA ASN A 39 0.68 13.90 6.17
C ASN A 39 -0.03 13.94 7.52
N VAL A 40 -0.35 12.76 8.06
CA VAL A 40 -1.19 12.68 9.24
C VAL A 40 -0.52 11.94 10.39
N THR A 41 0.80 11.73 10.30
CA THR A 41 1.59 11.11 11.37
C THR A 41 2.97 11.78 11.47
N PRO A 42 3.77 11.43 12.49
CA PRO A 42 5.17 11.86 12.54
C PRO A 42 6.13 11.05 11.65
N LEU A 43 5.62 10.10 10.86
CA LEU A 43 6.47 9.23 10.08
C LEU A 43 7.07 9.95 8.87
N LYS A 44 8.29 9.57 8.55
CA LYS A 44 8.99 10.03 7.36
C LYS A 44 9.38 8.83 6.57
N PHE A 45 9.11 8.86 5.27
CA PHE A 45 9.38 7.73 4.39
C PHE A 45 10.44 8.12 3.36
N SER A 46 11.41 7.22 3.18
CA SER A 46 12.46 7.42 2.18
C SER A 46 12.66 6.16 1.35
N LYS A 47 12.79 6.35 0.04
CA LYS A 47 13.03 5.28 -0.91
C LYS A 47 14.51 4.95 -0.95
N ILE A 48 14.83 3.66 -0.84
CA ILE A 48 16.20 3.19 -1.00
C ILE A 48 16.24 2.21 -2.17
N ASN A 49 17.43 2.07 -2.77
CA ASN A 49 17.58 1.27 -3.99
C ASN A 49 18.42 0.02 -3.78
N THR A 50 18.94 -0.17 -2.58
CA THR A 50 19.74 -1.34 -2.26
C THR A 50 19.56 -1.68 -0.80
N GLY A 51 19.87 -2.91 -0.44
CA GLY A 51 19.83 -3.33 0.95
C GLY A 51 18.43 -3.60 1.44
N MET A 52 18.31 -3.73 2.75
CA MET A 52 17.04 -4.09 3.38
C MET A 52 16.28 -2.84 3.79
N ALA A 53 15.11 -2.65 3.19
CA ALA A 53 14.18 -1.59 3.57
C ALA A 53 13.24 -2.15 4.63
N ASP A 54 12.54 -1.25 5.33
CA ASP A 54 11.48 -1.69 6.22
C ASP A 54 10.33 -2.26 5.40
N ILE A 55 9.89 -1.52 4.39
CA ILE A 55 8.75 -1.90 3.58
C ILE A 55 9.22 -2.22 2.16
N LEU A 56 9.21 -3.51 1.81
CA LEU A 56 9.55 -3.94 0.47
C LEU A 56 8.26 -4.02 -0.35
N VAL A 57 8.26 -3.35 -1.51
CA VAL A 57 7.13 -3.33 -2.43
C VAL A 57 7.43 -4.30 -3.57
N VAL A 58 6.54 -5.27 -3.79
CA VAL A 58 6.76 -6.36 -4.73
C VAL A 58 5.55 -6.51 -5.63
N PHE A 59 5.79 -6.73 -6.92
CA PHE A 59 4.75 -7.16 -7.85
C PHE A 59 5.00 -8.64 -8.14
N ALA A 60 3.98 -9.47 -7.93
CA ALA A 60 4.13 -10.91 -8.14
C ALA A 60 2.79 -11.52 -8.49
N ARG A 61 2.79 -12.72 -9.06
CA ARG A 61 1.54 -13.41 -9.38
C ARG A 61 1.53 -14.81 -8.77
N GLY A 62 0.32 -15.33 -8.58
CA GLY A 62 0.13 -16.68 -8.05
C GLY A 62 0.82 -16.88 -6.71
N ALA A 63 1.37 -18.07 -6.53
CA ALA A 63 2.18 -18.37 -5.36
C ALA A 63 3.49 -17.64 -5.52
N HIS A 64 3.92 -16.94 -4.47
CA HIS A 64 5.11 -16.11 -4.56
C HIS A 64 5.88 -16.05 -3.23
N GLY A 65 5.88 -17.16 -2.50
CA GLY A 65 6.73 -17.31 -1.33
C GLY A 65 6.14 -16.94 0.03
N ASP A 66 4.83 -16.75 0.11
CA ASP A 66 4.16 -16.53 1.40
C ASP A 66 2.81 -17.27 1.47
N ASP A 67 2.05 -17.09 2.56
CA ASP A 67 0.77 -17.79 2.74
C ASP A 67 -0.43 -17.07 2.13
N HIS A 68 -0.17 -16.08 1.28
CA HIS A 68 -1.22 -15.27 0.70
C HIS A 68 -1.08 -15.32 -0.82
N ALA A 69 -1.06 -16.54 -1.36
CA ALA A 69 -0.96 -16.75 -2.80
C ALA A 69 -1.99 -15.90 -3.49
N PHE A 70 -1.59 -15.32 -4.62
CA PHE A 70 -2.51 -14.58 -5.43
C PHE A 70 -3.31 -15.52 -6.33
N ASP A 71 -4.31 -14.96 -7.00
CA ASP A 71 -5.41 -15.74 -7.52
C ASP A 71 -5.83 -15.35 -8.95
N GLY A 72 -4.91 -14.79 -9.72
CA GLY A 72 -5.21 -14.33 -11.07
C GLY A 72 -5.96 -13.01 -11.09
N LYS A 73 -6.45 -12.59 -12.25
CA LYS A 73 -7.11 -11.28 -12.39
C LYS A 73 -8.36 -11.23 -11.53
N GLY A 74 -8.55 -10.11 -10.85
CA GLY A 74 -9.67 -9.95 -9.92
C GLY A 74 -9.40 -10.58 -8.55
N GLY A 75 -10.45 -10.70 -7.76
CA GLY A 75 -10.33 -11.20 -6.39
C GLY A 75 -9.36 -10.35 -5.59
N ILE A 76 -8.39 -11.01 -4.96
CA ILE A 76 -7.37 -10.31 -4.18
C ILE A 76 -6.48 -9.50 -5.11
N LEU A 77 -6.37 -8.19 -4.85
CA LEU A 77 -5.56 -7.29 -5.68
C LEU A 77 -4.15 -7.11 -5.14
N ALA A 78 -4.03 -7.18 -3.82
CA ALA A 78 -2.77 -6.90 -3.14
C ALA A 78 -2.94 -7.32 -1.69
N HIS A 79 -1.83 -7.46 -0.97
CA HIS A 79 -1.88 -7.71 0.46
C HIS A 79 -0.59 -7.20 1.10
N ALA A 80 -0.61 -6.97 2.40
CA ALA A 80 0.54 -6.42 3.08
C ALA A 80 0.65 -6.95 4.50
N PHE A 81 1.88 -7.04 4.99
CA PHE A 81 2.13 -7.48 6.35
C PHE A 81 2.24 -6.30 7.30
N GLY A 82 1.75 -6.49 8.51
CA GLY A 82 1.84 -5.48 9.54
C GLY A 82 3.27 -5.25 9.99
N PRO A 83 3.49 -4.18 10.76
CA PRO A 83 4.82 -3.83 11.21
C PRO A 83 5.54 -4.98 11.90
N GLY A 84 6.82 -5.11 11.59
CA GLY A 84 7.66 -6.16 12.16
C GLY A 84 8.90 -6.35 11.30
N SER A 85 9.80 -7.20 11.78
CA SER A 85 11.03 -7.50 11.08
C SER A 85 10.76 -8.38 9.86
N GLY A 86 11.75 -8.50 8.98
CA GLY A 86 11.67 -9.39 7.84
C GLY A 86 10.54 -9.01 6.90
N ILE A 87 9.64 -9.95 6.65
CA ILE A 87 8.49 -9.70 5.76
C ILE A 87 7.51 -8.68 6.35
N GLY A 88 7.59 -8.43 7.66
CA GLY A 88 6.79 -7.39 8.29
C GLY A 88 6.90 -6.10 7.50
N GLY A 89 5.75 -5.44 7.32
CA GLY A 89 5.68 -4.21 6.56
C GLY A 89 5.56 -4.37 5.04
N ASP A 90 5.94 -5.53 4.50
CA ASP A 90 6.06 -5.63 3.05
C ASP A 90 4.69 -5.59 2.39
N ALA A 91 4.65 -5.05 1.17
CA ALA A 91 3.40 -4.86 0.44
C ALA A 91 3.55 -5.50 -0.92
N HIS A 92 2.64 -6.42 -1.22
CA HIS A 92 2.69 -7.22 -2.45
C HIS A 92 1.47 -6.92 -3.31
N PHE A 93 1.71 -6.70 -4.60
CA PHE A 93 0.67 -6.34 -5.55
C PHE A 93 0.57 -7.43 -6.61
N ASP A 94 -0.66 -7.88 -6.89
CA ASP A 94 -0.89 -8.99 -7.81
C ASP A 94 -0.65 -8.53 -9.25
N GLU A 95 0.36 -9.11 -9.89
CA GLU A 95 0.70 -8.74 -11.26
C GLU A 95 -0.37 -9.17 -12.25
N ASP A 96 -1.27 -10.07 -11.86
CA ASP A 96 -2.37 -10.43 -12.75
C ASP A 96 -3.44 -9.34 -12.85
N GLU A 97 -3.35 -8.30 -12.01
CA GLU A 97 -4.15 -7.09 -12.22
C GLU A 97 -3.47 -6.22 -13.27
N PHE A 98 -4.21 -5.28 -13.83
CA PHE A 98 -3.65 -4.29 -14.73
C PHE A 98 -3.61 -2.95 -14.01
N TRP A 99 -2.41 -2.58 -13.57
CA TRP A 99 -2.18 -1.40 -12.74
C TRP A 99 -2.13 -0.16 -13.62
N THR A 100 -2.75 0.93 -13.16
CA THR A 100 -2.71 2.20 -13.90
C THR A 100 -2.59 3.43 -13.00
N THR A 101 -2.34 4.56 -13.67
CA THR A 101 -2.32 5.88 -13.06
C THR A 101 -3.68 6.55 -13.01
N HIS A 102 -4.70 5.91 -13.57
CA HIS A 102 -5.98 6.59 -13.81
C HIS A 102 -7.14 5.70 -13.37
N SER A 103 -8.34 5.90 -13.93
CA SER A 103 -9.52 5.14 -13.50
C SER A 103 -9.67 3.80 -14.22
N GLY A 104 -8.88 3.57 -15.26
CA GLY A 104 -8.86 2.29 -15.95
C GLY A 104 -8.10 1.25 -15.13
N GLY A 105 -8.37 -0.02 -15.38
CA GLY A 105 -7.70 -1.10 -14.68
C GLY A 105 -7.89 -0.98 -13.17
N THR A 106 -6.81 -1.19 -12.42
CA THR A 106 -6.81 -0.95 -10.98
C THR A 106 -5.79 0.14 -10.67
N ASN A 107 -6.23 1.21 -10.02
CA ASN A 107 -5.35 2.33 -9.73
C ASN A 107 -4.30 1.95 -8.68
N LEU A 108 -3.03 2.06 -9.05
CA LEU A 108 -1.95 1.67 -8.14
C LEU A 108 -1.90 2.55 -6.90
N PHE A 109 -1.98 3.87 -7.10
CA PHE A 109 -1.91 4.79 -5.96
C PHE A 109 -2.96 4.45 -4.89
N LEU A 110 -4.21 4.29 -5.30
CA LEU A 110 -5.28 4.04 -4.33
C LEU A 110 -5.06 2.71 -3.62
N THR A 111 -4.64 1.70 -4.37
CA THR A 111 -4.40 0.39 -3.76
C THR A 111 -3.21 0.46 -2.80
N ALA A 112 -2.17 1.19 -3.19
CA ALA A 112 -1.00 1.36 -2.33
C ALA A 112 -1.33 2.12 -1.04
N VAL A 113 -2.22 3.09 -1.11
CA VAL A 113 -2.62 3.79 0.11
C VAL A 113 -3.21 2.78 1.11
N HIS A 114 -4.09 1.91 0.62
CA HIS A 114 -4.71 0.89 1.45
C HIS A 114 -3.67 -0.09 2.01
N GLU A 115 -2.80 -0.60 1.14
CA GLU A 115 -1.80 -1.57 1.60
C GLU A 115 -0.82 -0.97 2.57
N ILE A 116 -0.35 0.25 2.31
CA ILE A 116 0.56 0.90 3.24
C ILE A 116 -0.13 1.11 4.59
N GLY A 117 -1.43 1.36 4.58
CA GLY A 117 -2.18 1.42 5.82
C GLY A 117 -1.95 0.15 6.62
N HIS A 118 -2.08 -1.00 5.97
CA HIS A 118 -1.78 -2.28 6.62
C HIS A 118 -0.31 -2.36 7.06
N SER A 119 0.62 -1.94 6.21
CA SER A 119 2.05 -1.95 6.53
C SER A 119 2.36 -1.13 7.77
N LEU A 120 1.52 -0.14 8.09
CA LEU A 120 1.69 0.71 9.27
C LEU A 120 0.93 0.20 10.49
N GLY A 121 0.11 -0.84 10.31
CA GLY A 121 -0.58 -1.49 11.40
C GLY A 121 -2.09 -1.32 11.45
N LEU A 122 -2.68 -0.69 10.43
CA LEU A 122 -4.14 -0.57 10.36
C LEU A 122 -4.79 -1.87 9.89
N GLY A 123 -5.99 -2.09 10.42
CA GLY A 123 -6.89 -3.11 9.89
C GLY A 123 -7.95 -2.47 9.02
N HIS A 124 -8.96 -3.27 8.68
CA HIS A 124 -10.01 -2.80 7.82
C HIS A 124 -11.03 -1.95 8.56
N SER A 125 -11.69 -1.10 7.79
CA SER A 125 -12.79 -0.31 8.30
C SER A 125 -14.10 -0.86 7.74
N SER A 126 -15.17 -0.75 8.52
CA SER A 126 -16.51 -1.09 8.07
C SER A 126 -17.16 0.08 7.31
N ASP A 127 -16.49 1.23 7.29
CA ASP A 127 -17.02 2.43 6.64
C ASP A 127 -16.69 2.41 5.14
N PRO A 128 -17.71 2.32 4.26
CA PRO A 128 -17.47 2.29 2.81
C PRO A 128 -16.68 3.48 2.23
N LYS A 129 -16.69 4.61 2.94
CA LYS A 129 -15.96 5.81 2.50
C LYS A 129 -14.48 5.80 2.88
N ALA A 130 -14.08 4.88 3.76
CA ALA A 130 -12.70 4.78 4.21
C ALA A 130 -11.83 4.08 3.18
N VAL A 131 -10.59 4.53 3.03
CA VAL A 131 -9.66 3.84 2.13
C VAL A 131 -9.36 2.44 2.66
N MET A 132 -9.47 2.25 3.99
CA MET A 132 -9.26 0.94 4.59
C MET A 132 -10.48 0.00 4.51
N PHE A 133 -11.55 0.43 3.85
CA PHE A 133 -12.67 -0.46 3.49
C PHE A 133 -12.14 -1.55 2.54
N PRO A 134 -12.55 -2.82 2.72
CA PRO A 134 -11.95 -3.91 1.93
C PRO A 134 -12.55 -4.21 0.54
N THR A 135 -13.07 -3.20 -0.15
CA THR A 135 -13.32 -3.33 -1.58
C THR A 135 -12.82 -2.08 -2.31
N TYR A 136 -12.03 -2.30 -3.35
CA TYR A 136 -11.52 -1.23 -4.20
C TYR A 136 -12.63 -0.48 -4.90
N LYS A 137 -12.54 0.84 -4.88
CA LYS A 137 -13.37 1.69 -5.72
C LYS A 137 -12.55 2.90 -6.15
N TYR A 138 -12.63 3.25 -7.44
CA TYR A 138 -11.93 4.42 -7.91
C TYR A 138 -12.59 5.68 -7.36
N VAL A 139 -11.76 6.59 -6.88
CA VAL A 139 -12.15 7.95 -6.56
C VAL A 139 -11.07 8.84 -7.16
N ASP A 140 -11.45 10.05 -7.55
CA ASP A 140 -10.52 10.96 -8.22
C ASP A 140 -9.23 11.06 -7.41
N ILE A 141 -8.11 10.60 -7.98
CA ILE A 141 -6.84 10.54 -7.25
C ILE A 141 -6.22 11.91 -7.04
N ASN A 142 -6.61 12.89 -7.86
CA ASN A 142 -6.05 14.23 -7.79
C ASN A 142 -6.64 15.05 -6.65
N THR A 143 -7.83 14.65 -6.20
CA THR A 143 -8.50 15.32 -5.08
C THR A 143 -8.67 14.36 -3.90
N PHE A 144 -7.92 13.25 -3.91
CA PHE A 144 -8.02 12.26 -2.84
C PHE A 144 -7.76 12.85 -1.46
N ARG A 145 -8.60 12.49 -0.50
CA ARG A 145 -8.41 12.82 0.90
C ARG A 145 -8.78 11.63 1.75
N LEU A 146 -7.97 11.32 2.77
CA LEU A 146 -8.33 10.28 3.73
C LEU A 146 -9.65 10.60 4.38
N SER A 147 -10.42 9.57 4.69
CA SER A 147 -11.66 9.75 5.45
C SER A 147 -11.33 10.07 6.90
N ALA A 148 -12.31 10.63 7.61
CA ALA A 148 -12.18 10.88 9.04
C ALA A 148 -11.89 9.57 9.77
N ASP A 149 -12.51 8.48 9.30
CA ASP A 149 -12.30 7.17 9.89
C ASP A 149 -10.84 6.70 9.76
N ASP A 150 -10.24 6.92 8.59
CA ASP A 150 -8.84 6.56 8.36
C ASP A 150 -7.89 7.39 9.24
N ILE A 151 -8.19 8.67 9.35
CA ILE A 151 -7.37 9.57 10.18
C ILE A 151 -7.47 9.16 11.65
N ARG A 152 -8.67 8.86 12.13
CA ARG A 152 -8.82 8.39 13.51
C ARG A 152 -8.07 7.06 13.72
N GLY A 153 -8.15 6.17 12.73
CA GLY A 153 -7.47 4.89 12.82
C GLY A 153 -5.97 5.06 12.95
N ILE A 154 -5.37 5.84 12.07
CA ILE A 154 -3.91 5.97 12.08
C ILE A 154 -3.41 6.77 13.28
N GLN A 155 -4.18 7.78 13.70
CA GLN A 155 -3.78 8.60 14.83
C GLN A 155 -3.99 7.88 16.18
N SER A 156 -4.70 6.75 16.16
CA SER A 156 -4.73 5.86 17.32
C SER A 156 -3.42 5.07 17.49
N LEU A 157 -2.63 4.98 16.41
CA LEU A 157 -1.36 4.25 16.40
C LEU A 157 -0.13 5.15 16.46
N TYR A 158 -0.23 6.34 15.86
CA TYR A 158 0.91 7.26 15.73
C TYR A 158 0.52 8.71 16.03
N GLY A 159 1.50 9.48 16.50
CA GLY A 159 1.34 10.92 16.68
C GLY A 159 0.45 11.35 17.83
N ILE B 1 -6.07 -4.44 -1.96
CA ILE B 1 -7.45 -4.76 -1.45
C ILE B 1 -8.13 -5.83 -2.30
N ALA B 2 -9.46 -5.72 -2.48
CA ALA B 2 -10.24 -6.70 -3.21
C ALA B 2 -11.10 -6.02 -4.27
N GLY B 3 -11.29 -6.70 -5.39
CA GLY B 3 -12.16 -6.21 -6.44
C GLY B 3 -13.63 -6.31 -6.04
ZN ZN C . -6.89 -4.72 3.13
ZN ZN D . 2.58 -11.92 -0.80
CA CA E . 10.03 -5.64 5.90
CA CA F . -0.22 -6.76 -14.74
CA CA G . -5.97 -11.14 -8.09
#